data_1FCZ
#
_entry.id   1FCZ
#
_cell.length_a   59.884
_cell.length_b   59.884
_cell.length_c   155.805
_cell.angle_alpha   90.00
_cell.angle_beta   90.00
_cell.angle_gamma   90.00
#
_symmetry.space_group_name_H-M   'P 41 21 2'
#
loop_
_entity.id
_entity.type
_entity.pdbx_description
1 polymer 'RETINOIC ACID RECEPTOR GAMMA-1'
2 non-polymer '4-[3-OXO-3-(5,5,8,8-TETRAMETHYL-5,6,7,8-TETRAHYDRO-NAPHTHALEN-2-YL)-PROPENYL]-BENZOIC ACID'
3 non-polymer DODECYL-ALPHA-D-MALTOSIDE
4 water water
#
_entity_poly.entity_id   1
_entity_poly.type   'polypeptide(L)'
_entity_poly.pdbx_seq_one_letter_code
;SPQLEELITKVSKAHQETFPSLCQLGKYTTNSSADHRVQLDLGLWDKFSELATKCIIKIVEFAKRLPGFTGLSIADQITL
LKAACLDILMLRICTRYTPEQDTMTFSDGLTLNRTQMHNAGFGPLTDLVFAFAGQLLPLEMDDTETGLLSAICLICGDRM
DLEEPEKVDKLQEPLLEALRLYARRRRPSQPYMFPRMLMKITDLRGISTKGAERAITLKMEIPGPMPPLIREMLE
;
_entity_poly.pdbx_strand_id   A
#
loop_
_chem_comp.id
_chem_comp.type
_chem_comp.name
_chem_comp.formula
156 non-polymer '4-[3-OXO-3-(5,5,8,8-TETRAMETHYL-5,6,7,8-TETRAHYDRO-NAPHTHALEN-2-YL)-PROPENYL]-BENZOIC ACID' 'C24 H26 O3'
LMU D-saccharide DODECYL-ALPHA-D-MALTOSIDE 'C24 H46 O11'
#
# COMPACT_ATOMS: atom_id res chain seq x y z
N SER A 1 26.43 6.96 8.59
CA SER A 1 25.44 7.65 9.42
C SER A 1 25.00 8.92 8.65
N PRO A 2 25.76 9.87 8.14
CA PRO A 2 25.12 10.91 7.30
C PRO A 2 24.35 10.33 6.10
N GLN A 3 24.90 9.26 5.49
CA GLN A 3 24.30 8.64 4.31
C GLN A 3 22.95 7.98 4.70
N LEU A 4 22.92 7.38 5.88
CA LEU A 4 21.70 6.80 6.36
C LEU A 4 20.64 7.84 6.67
N GLU A 5 21.05 8.96 7.29
CA GLU A 5 20.11 10.04 7.52
C GLU A 5 19.53 10.56 6.21
N GLU A 6 20.35 10.66 5.16
CA GLU A 6 19.81 11.13 3.86
C GLU A 6 18.87 10.12 3.22
N LEU A 7 19.15 8.83 3.45
CA LEU A 7 18.24 7.81 2.91
C LEU A 7 16.86 7.93 3.57
N ILE A 8 16.86 8.15 4.89
CA ILE A 8 15.57 8.33 5.59
C ILE A 8 14.77 9.44 4.97
N THR A 9 15.41 10.60 4.79
CA THR A 9 14.59 11.69 4.28
C THR A 9 14.29 11.56 2.81
N LYS A 10 15.12 10.95 2.01
CA LYS A 10 14.76 10.67 0.60
C LYS A 10 13.53 9.81 0.54
N VAL A 11 13.45 8.75 1.32
CA VAL A 11 12.29 7.84 1.24
C VAL A 11 11.06 8.51 1.80
N SER A 12 11.22 9.22 2.91
CA SER A 12 10.05 9.93 3.46
C SER A 12 9.41 10.90 2.50
N LYS A 13 10.28 11.68 1.84
CA LYS A 13 9.80 12.68 0.90
C LYS A 13 9.23 12.00 -0.32
N ALA A 14 9.85 10.92 -0.80
CA ALA A 14 9.22 10.19 -1.91
C ALA A 14 7.82 9.68 -1.61
N HIS A 15 7.67 9.19 -0.37
CA HIS A 15 6.32 8.73 0.01
C HIS A 15 5.30 9.85 0.08
N GLN A 16 5.72 10.91 0.77
CA GLN A 16 4.75 11.99 0.97
C GLN A 16 4.38 12.65 -0.34
N GLU A 17 5.31 12.71 -1.28
CA GLU A 17 4.99 13.36 -2.57
C GLU A 17 4.32 12.47 -3.59
N THR A 18 4.10 11.22 -3.22
CA THR A 18 3.30 10.31 -4.01
C THR A 18 2.07 9.80 -3.28
N PHE A 19 1.81 10.28 -2.06
CA PHE A 19 0.75 9.76 -1.21
C PHE A 19 0.36 10.78 -0.16
N PRO A 20 -0.56 11.67 -0.50
CA PRO A 20 -0.97 12.70 0.49
C PRO A 20 -1.44 12.08 1.81
N SER A 21 -1.17 12.77 2.92
CA SER A 21 -1.66 12.36 4.23
C SER A 21 -3.17 12.64 4.34
N LEU A 22 -3.78 11.85 5.21
CA LEU A 22 -5.21 12.01 5.54
C LEU A 22 -5.42 13.46 5.97
N CYS A 23 -4.47 14.06 6.67
CA CYS A 23 -4.68 15.44 7.15
C CYS A 23 -4.71 16.49 6.03
N GLN A 24 -3.95 16.29 4.97
CA GLN A 24 -3.80 17.10 3.79
C GLN A 24 -5.00 17.08 2.85
N LEU A 25 -5.89 16.09 2.98
CA LEU A 25 -6.92 15.88 1.99
C LEU A 25 -8.28 16.49 2.36
N GLY A 26 -8.88 17.11 1.35
CA GLY A 26 -10.23 17.65 1.40
C GLY A 26 -11.17 16.47 1.14
N LYS A 27 -11.78 15.97 2.22
CA LYS A 27 -12.62 14.79 2.17
C LYS A 27 -13.91 15.18 1.46
N TYR A 28 -14.44 14.22 0.72
CA TYR A 28 -15.81 14.31 0.16
C TYR A 28 -16.44 12.91 0.12
N THR A 29 -17.77 12.89 0.01
CA THR A 29 -18.52 11.64 0.11
C THR A 29 -19.36 11.37 -1.13
N THR A 30 -19.95 10.19 -1.18
CA THR A 30 -20.94 9.83 -2.21
C THR A 30 -22.12 9.19 -1.54
N ASN A 31 -23.32 9.27 -2.11
CA ASN A 31 -24.42 8.53 -1.50
C ASN A 31 -24.68 7.22 -2.21
N SER A 32 -23.79 6.77 -3.07
CA SER A 32 -24.00 5.50 -3.72
C SER A 32 -23.94 4.30 -2.76
N SER A 33 -24.94 3.44 -2.82
CA SER A 33 -25.04 2.15 -2.15
C SER A 33 -24.44 2.17 -0.77
N ALA A 34 -24.95 3.12 0.01
CA ALA A 34 -24.28 3.52 1.24
C ALA A 34 -24.76 2.74 2.45
N ASP A 35 -25.91 2.10 2.39
CA ASP A 35 -26.50 1.58 3.61
C ASP A 35 -26.70 0.07 3.66
N HIS A 36 -26.54 -0.61 2.54
CA HIS A 36 -26.67 -2.07 2.52
C HIS A 36 -25.62 -2.70 1.59
N ARG A 37 -25.06 -3.84 2.00
CA ARG A 37 -24.11 -4.53 1.15
C ARG A 37 -24.80 -5.20 -0.03
N VAL A 38 -24.26 -5.02 -1.20
CA VAL A 38 -24.67 -5.65 -2.45
C VAL A 38 -23.48 -6.35 -3.10
N GLN A 39 -23.71 -7.17 -4.14
CA GLN A 39 -22.57 -7.87 -4.71
C GLN A 39 -21.56 -6.91 -5.31
N LEU A 40 -22.00 -5.90 -6.03
CA LEU A 40 -21.16 -4.88 -6.63
C LEU A 40 -21.97 -3.68 -7.11
N ASP A 41 -21.51 -2.51 -6.76
CA ASP A 41 -22.04 -1.25 -7.31
C ASP A 41 -21.06 -0.81 -8.38
N LEU A 42 -21.47 -0.88 -9.65
CA LEU A 42 -20.57 -0.63 -10.75
C LEU A 42 -20.09 0.83 -10.77
N GLY A 43 -20.89 1.77 -10.30
CA GLY A 43 -20.41 3.14 -10.24
C GLY A 43 -19.25 3.25 -9.24
N LEU A 44 -19.38 2.58 -8.10
CA LEU A 44 -18.31 2.59 -7.11
C LEU A 44 -17.09 1.84 -7.62
N TRP A 45 -17.30 0.71 -8.29
CA TRP A 45 -16.19 -0.02 -8.89
C TRP A 45 -15.48 0.87 -9.91
N ASP A 46 -16.22 1.57 -10.76
CA ASP A 46 -15.54 2.40 -11.78
C ASP A 46 -14.67 3.44 -11.12
N LYS A 47 -15.20 4.12 -10.12
CA LYS A 47 -14.38 5.14 -9.48
C LYS A 47 -13.21 4.56 -8.71
N PHE A 48 -13.46 3.52 -7.93
CA PHE A 48 -12.38 2.88 -7.16
C PHE A 48 -11.26 2.39 -8.07
N SER A 49 -11.63 1.74 -9.15
CA SER A 49 -10.61 1.19 -10.07
C SER A 49 -9.83 2.28 -10.75
N GLU A 50 -10.45 3.40 -11.09
CA GLU A 50 -9.72 4.56 -11.63
C GLU A 50 -8.73 5.08 -10.61
N LEU A 51 -9.16 5.21 -9.36
CA LEU A 51 -8.25 5.67 -8.30
C LEU A 51 -7.12 4.68 -8.08
N ALA A 52 -7.39 3.38 -8.13
CA ALA A 52 -6.31 2.37 -7.99
C ALA A 52 -5.29 2.48 -9.11
N THR A 53 -5.73 2.70 -10.36
CA THR A 53 -4.80 2.88 -11.45
C THR A 53 -3.87 4.06 -11.16
N LYS A 54 -4.45 5.18 -10.73
CA LYS A 54 -3.63 6.37 -10.47
C LYS A 54 -2.62 6.10 -9.37
N CYS A 55 -3.04 5.36 -8.36
CA CYS A 55 -2.12 5.07 -7.26
C CYS A 55 -1.04 4.08 -7.67
N ILE A 56 -1.34 3.15 -8.59
CA ILE A 56 -0.30 2.33 -9.12
C ILE A 56 0.80 3.16 -9.77
N ILE A 57 0.40 4.13 -10.57
CA ILE A 57 1.39 5.02 -11.19
C ILE A 57 2.20 5.75 -10.15
N LYS A 58 1.54 6.22 -9.09
CA LYS A 58 2.21 6.88 -7.97
C LYS A 58 3.21 5.94 -7.25
N ILE A 59 2.86 4.64 -7.15
CA ILE A 59 3.78 3.69 -6.50
C ILE A 59 5.01 3.49 -7.40
N VAL A 60 4.80 3.43 -8.72
CA VAL A 60 5.96 3.36 -9.64
C VAL A 60 6.87 4.57 -9.45
N GLU A 61 6.28 5.75 -9.40
CA GLU A 61 7.00 7.02 -9.19
C GLU A 61 7.77 7.01 -7.88
N PHE A 62 7.16 6.53 -6.80
CA PHE A 62 7.78 6.33 -5.52
C PHE A 62 8.98 5.39 -5.67
N ALA A 63 8.76 4.24 -6.29
CA ALA A 63 9.82 3.23 -6.47
C ALA A 63 11.06 3.82 -7.10
N LYS A 64 10.82 4.58 -8.18
CA LYS A 64 11.96 5.13 -8.91
C LYS A 64 12.72 6.21 -8.15
N ARG A 65 12.17 6.78 -7.08
CA ARG A 65 12.88 7.70 -6.18
C ARG A 65 13.63 6.99 -5.08
N LEU A 66 13.49 5.68 -4.92
CA LEU A 66 14.19 4.94 -3.89
C LEU A 66 15.62 4.72 -4.34
N PRO A 67 16.60 5.14 -3.55
CA PRO A 67 18.00 4.98 -3.99
C PRO A 67 18.35 3.57 -4.44
N GLY A 68 18.93 3.53 -5.64
CA GLY A 68 19.34 2.27 -6.26
C GLY A 68 18.30 1.55 -7.07
N PHE A 69 17.02 1.89 -6.94
CA PHE A 69 16.00 1.10 -7.64
C PHE A 69 16.20 1.12 -9.16
N THR A 70 16.49 2.31 -9.69
CA THR A 70 16.66 2.39 -11.15
C THR A 70 18.00 1.85 -11.63
N GLY A 71 18.87 1.44 -10.71
CA GLY A 71 20.06 0.70 -11.08
C GLY A 71 19.84 -0.79 -11.21
N LEU A 72 18.67 -1.27 -10.77
CA LEU A 72 18.30 -2.64 -11.04
C LEU A 72 17.96 -2.78 -12.52
N SER A 73 18.04 -3.99 -13.07
CA SER A 73 17.58 -4.23 -14.43
C SER A 73 16.11 -3.82 -14.55
N ILE A 74 15.72 -3.38 -15.76
CA ILE A 74 14.32 -3.00 -15.98
C ILE A 74 13.44 -4.20 -15.69
N ALA A 75 13.84 -5.42 -16.07
CA ALA A 75 13.08 -6.62 -15.77
C ALA A 75 12.89 -6.76 -14.25
N ASP A 76 13.93 -6.62 -13.46
CA ASP A 76 13.81 -6.70 -12.00
C ASP A 76 12.93 -5.59 -11.42
N GLN A 77 13.02 -4.36 -11.98
CA GLN A 77 12.13 -3.31 -11.50
C GLN A 77 10.69 -3.72 -11.69
N ILE A 78 10.38 -4.23 -12.85
CA ILE A 78 9.02 -4.67 -13.14
C ILE A 78 8.60 -5.85 -12.28
N THR A 79 9.50 -6.80 -12.11
CA THR A 79 9.20 -7.95 -11.26
C THR A 79 8.86 -7.53 -9.84
N LEU A 80 9.69 -6.65 -9.29
CA LEU A 80 9.44 -6.17 -7.93
C LEU A 80 8.12 -5.43 -7.83
N LEU A 81 7.82 -4.54 -8.79
CA LEU A 81 6.58 -3.79 -8.73
C LEU A 81 5.37 -4.69 -8.85
N LYS A 82 5.41 -5.66 -9.75
CA LYS A 82 4.28 -6.54 -9.90
C LYS A 82 4.09 -7.36 -8.63
N ALA A 83 5.14 -7.76 -7.93
CA ALA A 83 5.03 -8.59 -6.72
C ALA A 83 4.53 -7.80 -5.54
N ALA A 84 4.78 -6.52 -5.46
CA ALA A 84 4.52 -5.71 -4.28
C ALA A 84 3.42 -4.67 -4.42
N CYS A 85 3.00 -4.35 -5.63
CA CYS A 85 2.10 -3.20 -5.75
C CYS A 85 0.80 -3.40 -5.01
N LEU A 86 0.22 -4.59 -5.03
CA LEU A 86 -1.06 -4.78 -4.33
C LEU A 86 -0.84 -4.63 -2.82
N ASP A 87 0.26 -5.13 -2.29
CA ASP A 87 0.60 -4.97 -0.89
C ASP A 87 0.65 -3.49 -0.52
N ILE A 88 1.32 -2.69 -1.38
CA ILE A 88 1.49 -1.27 -1.05
C ILE A 88 0.20 -0.51 -1.22
N LEU A 89 -0.62 -0.85 -2.20
CA LEU A 89 -1.96 -0.28 -2.33
C LEU A 89 -2.79 -0.52 -1.05
N MET A 90 -2.77 -1.76 -0.58
CA MET A 90 -3.56 -2.11 0.61
C MET A 90 -3.03 -1.39 1.82
N LEU A 91 -1.71 -1.37 2.00
CA LEU A 91 -1.13 -0.61 3.14
C LEU A 91 -1.58 0.83 3.05
N ARG A 92 -1.46 1.44 1.86
CA ARG A 92 -1.81 2.83 1.63
C ARG A 92 -3.23 3.12 2.05
N ILE A 93 -4.22 2.37 1.55
CA ILE A 93 -5.61 2.72 1.87
C ILE A 93 -5.85 2.52 3.35
N CYS A 94 -5.21 1.51 3.95
CA CYS A 94 -5.43 1.22 5.37
C CYS A 94 -4.83 2.29 6.26
N THR A 95 -3.82 3.01 5.79
CA THR A 95 -3.30 4.16 6.53
C THR A 95 -4.23 5.36 6.47
N ARG A 96 -5.26 5.33 5.63
CA ARG A 96 -6.23 6.40 5.49
C ARG A 96 -7.57 6.06 6.14
N TYR A 97 -7.53 5.18 7.10
CA TYR A 97 -8.69 4.74 7.91
C TYR A 97 -9.02 5.70 9.03
N THR A 98 -10.25 6.14 9.12
CA THR A 98 -10.74 7.00 10.21
C THR A 98 -11.66 6.16 11.08
N PRO A 99 -11.18 5.68 12.22
CA PRO A 99 -11.98 4.74 13.00
C PRO A 99 -13.31 5.32 13.48
N GLU A 100 -13.33 6.59 13.87
CA GLU A 100 -14.53 7.19 14.43
C GLU A 100 -15.68 7.13 13.45
N GLN A 101 -15.40 7.11 12.17
CA GLN A 101 -16.36 7.19 11.09
C GLN A 101 -16.40 5.87 10.33
N ASP A 102 -15.47 4.94 10.58
CA ASP A 102 -15.40 3.64 9.89
C ASP A 102 -15.30 3.86 8.39
N THR A 103 -14.43 4.77 7.97
CA THR A 103 -14.23 5.14 6.60
C THR A 103 -12.74 4.97 6.17
N MET A 104 -12.56 4.86 4.87
CA MET A 104 -11.24 5.02 4.28
C MET A 104 -11.29 6.11 3.21
N THR A 105 -10.17 6.83 3.06
CA THR A 105 -10.08 8.00 2.20
C THR A 105 -9.02 7.82 1.11
N PHE A 106 -9.42 8.00 -0.15
CA PHE A 106 -8.56 7.87 -1.34
C PHE A 106 -7.84 9.19 -1.60
N SER A 107 -6.93 9.13 -2.57
CA SER A 107 -5.98 10.22 -2.76
C SER A 107 -6.61 11.49 -3.34
N ASP A 108 -7.84 11.40 -3.83
CA ASP A 108 -8.54 12.59 -4.29
C ASP A 108 -9.46 13.14 -3.20
N GLY A 109 -9.45 12.55 -2.01
CA GLY A 109 -10.35 12.85 -0.94
C GLY A 109 -11.60 12.02 -0.83
N LEU A 110 -11.89 11.16 -1.81
CA LEU A 110 -13.11 10.34 -1.74
C LEU A 110 -13.07 9.50 -0.49
N THR A 111 -14.11 9.63 0.33
CA THR A 111 -14.18 8.95 1.60
C THR A 111 -15.38 8.02 1.61
N LEU A 112 -15.09 6.71 1.66
CA LEU A 112 -16.11 5.66 1.61
C LEU A 112 -16.30 5.02 2.96
N ASN A 113 -17.58 4.76 3.32
CA ASN A 113 -17.80 3.93 4.51
C ASN A 113 -17.56 2.48 4.19
N ARG A 114 -17.66 1.62 5.21
CA ARG A 114 -17.29 0.22 5.08
C ARG A 114 -18.18 -0.50 4.07
N THR A 115 -19.49 -0.22 4.12
CA THR A 115 -20.43 -0.78 3.17
C THR A 115 -20.08 -0.34 1.74
N GLN A 116 -19.71 0.94 1.55
CA GLN A 116 -19.31 1.36 0.19
C GLN A 116 -18.01 0.72 -0.25
N MET A 117 -17.03 0.52 0.65
CA MET A 117 -15.83 -0.24 0.28
C MET A 117 -16.22 -1.64 -0.17
N HIS A 118 -17.10 -2.29 0.59
CA HIS A 118 -17.58 -3.61 0.18
C HIS A 118 -18.14 -3.54 -1.23
N ASN A 119 -18.99 -2.56 -1.45
CA ASN A 119 -19.75 -2.41 -2.71
C ASN A 119 -18.89 -1.97 -3.87
N ALA A 120 -17.74 -1.41 -3.61
CA ALA A 120 -16.80 -0.94 -4.65
C ALA A 120 -15.96 -2.09 -5.22
N GLY A 121 -15.97 -3.22 -4.53
CA GLY A 121 -15.27 -4.39 -5.03
C GLY A 121 -14.63 -5.25 -3.95
N PHE A 122 -14.42 -4.73 -2.75
CA PHE A 122 -13.78 -5.52 -1.70
C PHE A 122 -14.63 -6.74 -1.35
N GLY A 123 -15.93 -6.65 -1.41
CA GLY A 123 -16.73 -7.83 -1.23
C GLY A 123 -16.42 -8.55 0.09
N PRO A 124 -16.34 -9.88 -0.02
CA PRO A 124 -16.08 -10.68 1.19
C PRO A 124 -14.75 -10.43 1.87
N LEU A 125 -13.88 -9.64 1.31
CA LEU A 125 -12.59 -9.27 1.93
C LEU A 125 -12.66 -8.02 2.78
N THR A 126 -13.78 -7.30 2.68
CA THR A 126 -13.89 -5.99 3.31
C THR A 126 -13.54 -5.99 4.78
N ASP A 127 -14.14 -6.87 5.58
CA ASP A 127 -13.92 -6.83 7.03
C ASP A 127 -12.50 -7.21 7.40
N LEU A 128 -11.84 -8.07 6.65
CA LEU A 128 -10.46 -8.40 6.95
C LEU A 128 -9.53 -7.24 6.65
N VAL A 129 -9.82 -6.50 5.58
CA VAL A 129 -9.03 -5.29 5.31
C VAL A 129 -9.22 -4.25 6.44
N PHE A 130 -10.47 -4.05 6.87
CA PHE A 130 -10.71 -3.09 7.92
C PHE A 130 -10.04 -3.55 9.21
N ALA A 131 -10.03 -4.85 9.48
CA ALA A 131 -9.37 -5.36 10.67
C ALA A 131 -7.88 -5.10 10.61
N PHE A 132 -7.29 -5.28 9.42
CA PHE A 132 -5.85 -4.95 9.27
C PHE A 132 -5.63 -3.49 9.58
N ALA A 133 -6.49 -2.62 9.01
CA ALA A 133 -6.37 -1.20 9.27
C ALA A 133 -6.49 -0.88 10.76
N GLY A 134 -7.44 -1.56 11.41
CA GLY A 134 -7.63 -1.37 12.84
C GLY A 134 -6.39 -1.72 13.64
N GLN A 135 -5.74 -2.80 13.25
CA GLN A 135 -4.58 -3.30 13.99
C GLN A 135 -3.33 -2.50 13.61
N LEU A 136 -3.35 -1.68 12.57
CA LEU A 136 -2.24 -0.74 12.33
C LEU A 136 -2.28 0.44 13.28
N LEU A 137 -3.48 0.85 13.69
CA LEU A 137 -3.60 2.05 14.52
C LEU A 137 -2.76 2.03 15.78
N PRO A 138 -2.68 0.97 16.57
CA PRO A 138 -1.82 1.08 17.78
C PRO A 138 -0.35 1.26 17.50
N LEU A 139 0.09 1.00 16.30
CA LEU A 139 1.50 1.30 15.95
C LEU A 139 1.77 2.79 15.81
N GLU A 140 0.75 3.58 15.54
CA GLU A 140 0.85 5.04 15.39
C GLU A 140 2.00 5.43 14.46
N MET A 141 2.12 4.72 13.34
CA MET A 141 3.19 5.01 12.42
C MET A 141 3.06 6.40 11.80
N ASP A 142 4.18 7.04 11.55
CA ASP A 142 4.15 8.31 10.85
C ASP A 142 4.50 8.05 9.39
N ASP A 143 4.54 9.18 8.62
CA ASP A 143 4.66 9.02 7.17
C ASP A 143 6.02 8.46 6.77
N THR A 144 7.07 8.86 7.50
CA THR A 144 8.39 8.34 7.24
C THR A 144 8.42 6.85 7.43
N GLU A 145 7.85 6.33 8.53
CA GLU A 145 7.80 4.88 8.77
C GLU A 145 6.97 4.16 7.73
N THR A 146 5.82 4.73 7.34
CA THR A 146 5.01 4.09 6.30
C THR A 146 5.80 4.03 4.99
N GLY A 147 6.48 5.11 4.65
CA GLY A 147 7.27 5.16 3.46
C GLY A 147 8.40 4.13 3.45
N LEU A 148 9.13 4.06 4.55
CA LEU A 148 10.19 3.05 4.70
C LEU A 148 9.67 1.63 4.66
N LEU A 149 8.53 1.37 5.34
CA LEU A 149 7.96 0.03 5.32
C LEU A 149 7.57 -0.36 3.91
N SER A 150 6.95 0.58 3.18
CA SER A 150 6.57 0.36 1.80
C SER A 150 7.76 0.00 0.94
N ALA A 151 8.88 0.73 1.15
CA ALA A 151 10.11 0.47 0.43
C ALA A 151 10.68 -0.91 0.73
N ILE A 152 10.64 -1.33 1.97
CA ILE A 152 11.08 -2.67 2.40
C ILE A 152 10.24 -3.74 1.76
N CYS A 153 8.93 -3.54 1.69
CA CYS A 153 8.04 -4.47 1.01
C CYS A 153 8.37 -4.63 -0.46
N LEU A 154 8.64 -3.52 -1.10
CA LEU A 154 8.96 -3.54 -2.55
C LEU A 154 10.31 -4.13 -2.87
N ILE A 155 11.35 -3.67 -2.13
CA ILE A 155 12.73 -4.07 -2.45
C ILE A 155 13.06 -5.31 -1.63
N CYS A 156 12.67 -6.45 -2.23
CA CYS A 156 12.88 -7.72 -1.52
C CYS A 156 13.36 -8.77 -2.51
N GLY A 157 14.47 -9.38 -2.08
CA GLY A 157 15.22 -10.31 -2.90
C GLY A 157 14.60 -11.68 -3.05
N ASP A 158 13.50 -12.01 -2.41
CA ASP A 158 12.89 -13.35 -2.45
C ASP A 158 11.92 -13.51 -3.61
N ARG A 159 11.66 -12.43 -4.33
CA ARG A 159 10.65 -12.50 -5.36
C ARG A 159 11.11 -13.43 -6.49
N MET A 160 10.14 -14.24 -6.91
CA MET A 160 10.33 -15.16 -7.99
C MET A 160 10.78 -14.45 -9.27
N ASP A 161 11.68 -15.03 -10.02
CA ASP A 161 12.13 -14.57 -11.35
C ASP A 161 12.97 -13.29 -11.34
N LEU A 162 13.46 -12.90 -10.15
CA LEU A 162 14.47 -11.87 -10.15
C LEU A 162 15.78 -12.33 -10.81
N GLU A 163 16.37 -11.48 -11.64
CA GLU A 163 17.64 -11.74 -12.24
C GLU A 163 18.81 -11.60 -11.26
N GLU A 164 18.70 -10.57 -10.39
CA GLU A 164 19.81 -10.27 -9.49
C GLU A 164 19.32 -10.10 -8.08
N PRO A 165 18.89 -11.21 -7.48
CA PRO A 165 18.33 -11.09 -6.13
C PRO A 165 19.33 -10.61 -5.09
N GLU A 166 20.62 -10.91 -5.24
CA GLU A 166 21.58 -10.41 -4.23
C GLU A 166 21.67 -8.91 -4.31
N LYS A 167 21.58 -8.36 -5.52
CA LYS A 167 21.66 -6.92 -5.65
C LYS A 167 20.47 -6.31 -4.96
N VAL A 168 19.27 -6.88 -5.09
CA VAL A 168 18.06 -6.38 -4.42
C VAL A 168 18.22 -6.49 -2.92
N ASP A 169 18.74 -7.63 -2.43
CA ASP A 169 18.99 -7.78 -1.01
C ASP A 169 19.87 -6.67 -0.44
N LYS A 170 20.91 -6.33 -1.21
CA LYS A 170 21.84 -5.26 -0.73
C LYS A 170 21.17 -3.89 -0.74
N LEU A 171 20.21 -3.65 -1.63
CA LEU A 171 19.47 -2.41 -1.56
C LEU A 171 18.51 -2.38 -0.38
N GLN A 172 17.98 -3.54 0.03
CA GLN A 172 17.03 -3.58 1.14
C GLN A 172 17.72 -3.31 2.47
N GLU A 173 18.98 -3.71 2.58
CA GLU A 173 19.67 -3.66 3.87
C GLU A 173 19.61 -2.27 4.50
N PRO A 174 20.03 -1.24 3.80
CA PRO A 174 19.98 0.10 4.42
C PRO A 174 18.57 0.59 4.74
N LEU A 175 17.53 0.15 4.02
CA LEU A 175 16.15 0.51 4.34
C LEU A 175 15.78 -0.08 5.70
N LEU A 176 16.16 -1.32 5.96
CA LEU A 176 15.90 -1.93 7.26
C LEU A 176 16.61 -1.17 8.38
N GLU A 177 17.89 -0.85 8.14
CA GLU A 177 18.67 -0.08 9.09
C GLU A 177 18.02 1.28 9.36
N ALA A 178 17.62 1.92 8.28
CA ALA A 178 17.00 3.23 8.41
C ALA A 178 15.71 3.18 9.23
N LEU A 179 14.84 2.20 8.96
CA LEU A 179 13.59 2.15 9.72
C LEU A 179 13.83 1.87 11.18
N ARG A 180 14.77 0.97 11.50
CA ARG A 180 15.03 0.70 12.91
C ARG A 180 15.56 1.96 13.61
N LEU A 181 16.55 2.61 12.99
CA LEU A 181 17.13 3.82 13.57
C LEU A 181 16.08 4.85 13.83
N TYR A 182 15.27 5.11 12.81
CA TYR A 182 14.24 6.15 12.88
C TYR A 182 13.23 5.82 13.94
N ALA A 183 12.72 4.59 13.95
CA ALA A 183 11.62 4.20 14.81
C ALA A 183 12.06 4.26 16.27
N ARG A 184 13.29 3.81 16.55
CA ARG A 184 13.79 3.82 17.94
C ARG A 184 14.06 5.23 18.41
N ARG A 185 14.57 6.07 17.49
CA ARG A 185 14.85 7.45 17.87
C ARG A 185 13.56 8.19 18.17
N ARG A 186 12.51 7.91 17.38
CA ARG A 186 11.27 8.64 17.57
C ARG A 186 10.55 8.25 18.85
N ARG A 187 10.58 6.96 19.15
CA ARG A 187 9.88 6.42 20.32
C ARG A 187 10.74 5.43 21.05
N PRO A 188 11.73 5.96 21.77
CA PRO A 188 12.71 5.06 22.40
C PRO A 188 12.11 4.22 23.51
N SER A 189 10.96 4.59 24.09
CA SER A 189 10.36 3.82 25.16
C SER A 189 9.49 2.66 24.63
N GLN A 190 9.35 2.55 23.33
CA GLN A 190 8.63 1.47 22.67
C GLN A 190 9.45 0.64 21.71
N PRO A 191 10.39 -0.12 22.25
CA PRO A 191 11.35 -0.82 21.38
C PRO A 191 10.75 -1.97 20.61
N TYR A 192 9.50 -2.36 20.80
CA TYR A 192 8.96 -3.41 19.94
C TYR A 192 8.33 -2.82 18.69
N MET A 193 8.44 -1.49 18.50
CA MET A 193 7.80 -1.00 17.30
C MET A 193 8.40 -1.47 15.99
N PHE A 194 9.73 -1.43 15.89
CA PHE A 194 10.35 -1.95 14.69
C PHE A 194 9.97 -3.39 14.38
N PRO A 195 10.13 -4.35 15.28
CA PRO A 195 9.74 -5.73 14.92
C PRO A 195 8.24 -5.82 14.66
N ARG A 196 7.38 -5.11 15.34
CA ARG A 196 5.96 -5.13 15.01
C ARG A 196 5.71 -4.61 13.62
N MET A 197 6.39 -3.55 13.19
CA MET A 197 6.22 -3.05 11.82
C MET A 197 6.63 -4.12 10.81
N LEU A 198 7.78 -4.76 11.06
CA LEU A 198 8.21 -5.80 10.11
C LEU A 198 7.22 -6.94 10.04
N MET A 199 6.66 -7.34 11.16
CA MET A 199 5.65 -8.42 11.10
C MET A 199 4.40 -8.02 10.38
N LYS A 200 4.09 -6.72 10.30
CA LYS A 200 2.96 -6.29 9.48
C LYS A 200 3.18 -6.61 8.02
N ILE A 201 4.40 -6.71 7.54
CA ILE A 201 4.62 -7.10 6.14
C ILE A 201 4.08 -8.48 5.85
N THR A 202 4.27 -9.38 6.78
CA THR A 202 3.72 -10.71 6.64
C THR A 202 2.20 -10.70 6.62
N ASP A 203 1.59 -9.91 7.51
CA ASP A 203 0.15 -9.82 7.57
C ASP A 203 -0.38 -9.28 6.24
N LEU A 204 0.35 -8.25 5.79
CA LEU A 204 0.00 -7.62 4.53
C LEU A 204 0.04 -8.56 3.35
N ARG A 205 1.07 -9.42 3.30
CA ARG A 205 1.17 -10.42 2.27
C ARG A 205 -0.03 -11.37 2.31
N GLY A 206 -0.52 -11.69 3.50
CA GLY A 206 -1.69 -12.54 3.64
C GLY A 206 -2.92 -11.89 2.97
N ILE A 207 -3.10 -10.60 3.28
CA ILE A 207 -4.32 -9.94 2.79
C ILE A 207 -4.15 -9.65 1.31
N SER A 208 -2.94 -9.39 0.83
CA SER A 208 -2.78 -9.20 -0.63
C SER A 208 -2.98 -10.49 -1.39
N THR A 209 -2.57 -11.63 -0.81
CA THR A 209 -2.89 -12.90 -1.43
C THR A 209 -4.40 -13.05 -1.54
N LYS A 210 -5.15 -12.75 -0.48
CA LYS A 210 -6.63 -12.78 -0.57
C LYS A 210 -7.18 -11.78 -1.56
N GLY A 211 -6.52 -10.63 -1.65
CA GLY A 211 -6.95 -9.62 -2.63
C GLY A 211 -6.81 -10.09 -4.06
N ALA A 212 -5.75 -10.80 -4.38
CA ALA A 212 -5.64 -11.41 -5.69
C ALA A 212 -6.74 -12.43 -5.94
N GLU A 213 -7.07 -13.20 -4.90
CA GLU A 213 -8.17 -14.17 -5.03
C GLU A 213 -9.49 -13.45 -5.28
N ARG A 214 -9.70 -12.33 -4.60
CA ARG A 214 -10.91 -11.54 -4.80
C ARG A 214 -10.97 -10.97 -6.20
N ALA A 215 -9.82 -10.57 -6.73
CA ALA A 215 -9.76 -10.05 -8.07
C ALA A 215 -10.28 -11.10 -9.06
N ILE A 216 -9.96 -12.35 -8.86
CA ILE A 216 -10.47 -13.37 -9.76
C ILE A 216 -11.98 -13.45 -9.74
N THR A 217 -12.58 -13.38 -8.55
CA THR A 217 -14.06 -13.45 -8.54
C THR A 217 -14.74 -12.17 -9.01
N LEU A 218 -14.11 -11.01 -8.73
CA LEU A 218 -14.64 -9.71 -9.17
C LEU A 218 -14.71 -9.62 -10.68
N LYS A 219 -13.71 -10.27 -11.30
CA LYS A 219 -13.65 -10.23 -12.76
C LYS A 219 -14.91 -10.81 -13.38
N MET A 220 -15.58 -11.70 -12.66
CA MET A 220 -16.81 -12.29 -13.15
C MET A 220 -18.03 -11.41 -12.92
N GLU A 221 -17.95 -10.41 -12.06
CA GLU A 221 -19.02 -9.51 -11.66
C GLU A 221 -19.02 -8.23 -12.48
N ILE A 222 -17.93 -7.88 -13.14
CA ILE A 222 -17.88 -6.60 -13.85
C ILE A 222 -18.09 -6.81 -15.33
N PRO A 223 -18.65 -5.85 -16.04
CA PRO A 223 -18.93 -6.03 -17.48
C PRO A 223 -17.75 -5.93 -18.42
N GLY A 224 -16.61 -5.41 -18.03
CA GLY A 224 -15.51 -5.64 -19.01
C GLY A 224 -14.27 -6.04 -18.23
N PRO A 225 -13.11 -6.02 -18.89
CA PRO A 225 -11.86 -6.24 -18.19
C PRO A 225 -11.51 -5.14 -17.18
N MET A 226 -10.67 -5.54 -16.25
CA MET A 226 -10.14 -4.57 -15.30
C MET A 226 -9.18 -3.66 -16.04
N PRO A 227 -8.97 -2.44 -15.49
CA PRO A 227 -8.01 -1.54 -16.13
C PRO A 227 -6.65 -2.19 -16.33
N PRO A 228 -5.97 -1.82 -17.41
CA PRO A 228 -4.74 -2.46 -17.84
C PRO A 228 -3.61 -2.45 -16.82
N LEU A 229 -3.41 -1.36 -16.08
CA LEU A 229 -2.36 -1.40 -15.04
C LEU A 229 -2.71 -2.31 -13.89
N ILE A 230 -3.98 -2.46 -13.56
CA ILE A 230 -4.41 -3.44 -12.57
C ILE A 230 -4.11 -4.85 -13.09
N ARG A 231 -4.38 -5.13 -14.37
CA ARG A 231 -4.07 -6.48 -14.93
C ARG A 231 -2.58 -6.72 -14.88
N GLU A 232 -1.74 -5.71 -15.17
CA GLU A 232 -0.28 -5.88 -15.06
C GLU A 232 0.12 -6.30 -13.65
N MET A 233 -0.48 -5.65 -12.66
CA MET A 233 -0.21 -5.97 -11.26
C MET A 233 -0.55 -7.37 -10.91
N LEU A 234 -1.68 -7.84 -11.41
CA LEU A 234 -2.22 -9.13 -11.02
C LEU A 234 -1.54 -10.28 -11.74
N GLU A 235 -0.87 -10.04 -12.86
CA GLU A 235 -0.17 -11.15 -13.54
C GLU A 235 1.20 -11.35 -12.85
C1 156 B . -5.47 5.96 -3.24
C2 156 B . -5.81 4.56 -3.38
C3 156 B . -6.48 3.89 -4.35
C4 156 B . -6.76 2.56 -4.41
C5 156 B . -6.26 1.75 -3.39
C8 156 B . -6.59 0.36 -3.30
C9 156 B . -6.24 -0.53 -2.40
C6 156 B . -5.44 2.35 -2.45
C7 156 B . -5.06 3.69 -2.46
C10 156 B . -6.65 -1.97 -2.38
C11 156 B . -7.02 -2.73 -3.58
C12 156 B . -7.97 -3.75 -3.48
C13 156 B . -8.38 -4.52 -4.59
C14 156 B . -9.44 -5.62 -4.38
C15 156 B . -9.45 -6.57 -5.61
C16 156 B . -9.47 -5.80 -6.91
C17 156 B . -8.16 -5.01 -7.11
C18 156 B . -7.80 -4.25 -5.85
C19 156 B . -6.85 -3.23 -5.91
C20 156 B . -6.48 -2.49 -4.83
C21 156 B . -10.77 -4.92 -4.23
C22 156 B . -9.14 -6.44 -3.16
C23 156 B . -8.46 -4.04 -8.26
C24 156 B . -7.02 -5.93 -7.55
O1 156 B . -6.31 6.69 -3.96
O2 156 B . -4.59 6.46 -2.59
O3 156 B . -6.78 -2.48 -1.24
C1B LMU C . 1.61 11.50 -14.72
C2B LMU C . 2.29 11.85 -13.38
C3B LMU C . 1.66 11.09 -12.22
C4B LMU C . 0.16 11.47 -12.26
C5B LMU C . -0.45 10.99 -13.58
C6B LMU C . -1.94 11.34 -13.77
O1B LMU C . 1.92 10.15 -15.08
O2B LMU C . 3.67 11.61 -13.46
O3B LMU C . 2.21 11.54 -10.98
O4' LMU C . -0.34 10.96 -11.09
O5B LMU C . 0.22 11.68 -14.64
O6B LMU C . -2.63 10.12 -14.07
C1' LMU C . 4.21 8.28 -17.87
C2' LMU C . 4.82 9.58 -17.38
C3' LMU C . 4.06 10.04 -16.14
C4' LMU C . 2.51 10.01 -16.34
C5' LMU C . 2.06 8.64 -16.91
C6' LMU C . 0.56 8.60 -17.26
O1' LMU C . 4.50 7.26 -16.93
O2' LMU C . 6.19 9.31 -17.07
O3' LMU C . 4.53 11.32 -15.78
O5' LMU C . 2.81 8.37 -18.09
O6' LMU C . 0.28 9.44 -18.39
C1 LMU C . 4.08 6.03 -17.49
C2 LMU C . 3.64 5.14 -16.34
C3 LMU C . 4.67 4.06 -16.11
C4 LMU C . 4.06 3.09 -15.10
C5 LMU C . 3.78 1.73 -15.66
C6 LMU C . 4.60 0.65 -15.00
C7 LMU C . 3.90 -0.69 -14.96
C8 LMU C . 4.79 -1.63 -14.13
C9 LMU C . 3.98 -2.60 -13.27
C10 LMU C . 2.63 -2.11 -12.82
C11 LMU C . 2.02 -2.84 -11.66
C12 LMU C . 3.02 -3.68 -10.92
#